data_2P9M
#
_entry.id   2P9M
#
_cell.length_a   57.207
_cell.length_b   94.688
_cell.length_c   102.042
_cell.angle_alpha   90.00
_cell.angle_beta   90.00
_cell.angle_gamma   90.00
#
_symmetry.space_group_name_H-M   'P 21 21 21'
#
loop_
_entity.id
_entity.type
_entity.pdbx_description
1 polymer 'Hypothetical protein MJ0922'
2 water water
#
_entity_poly.entity_id   1
_entity_poly.type   'polypeptide(L)'
_entity_poly.pdbx_seq_one_letter_code
;(MSE)IDTLKNIKVKDV(MSE)TKNVITAKRHEGVVEAFEK(MSE)LKYKISSLPVIDDENKVIGIVTTTDIGYNLIRDK
YTLETTIGDV(MSE)TKDVITIHEDASILEAIKK(MSE)DISGKKEEIINQLPVVDKNNKLVGIISDGDIIRTISKII
;
_entity_poly.pdbx_strand_id   A,B,C,D
#
# COMPACT_ATOMS: atom_id res chain seq x y z
N LEU A 5 35.94 8.80 -5.47
CA LEU A 5 34.84 8.50 -6.38
C LEU A 5 34.93 9.42 -7.59
N LYS A 6 35.67 10.51 -7.43
CA LYS A 6 35.91 11.46 -8.50
C LYS A 6 36.43 10.75 -9.77
N ASN A 7 37.44 9.89 -9.60
CA ASN A 7 38.09 9.18 -10.72
C ASN A 7 37.33 7.95 -11.28
N ILE A 8 36.08 7.77 -10.88
CA ILE A 8 35.24 6.69 -11.37
C ILE A 8 34.08 7.31 -12.17
N LYS A 9 33.94 6.88 -13.42
CA LYS A 9 32.89 7.39 -14.31
C LYS A 9 31.77 6.36 -14.45
N VAL A 10 30.58 6.82 -14.83
CA VAL A 10 29.43 5.92 -14.96
C VAL A 10 29.76 4.68 -15.79
N LYS A 11 30.56 4.84 -16.85
CA LYS A 11 30.84 3.73 -17.77
C LYS A 11 31.61 2.59 -17.15
N ASP A 12 32.36 2.88 -16.11
CA ASP A 12 33.12 1.84 -15.44
C ASP A 12 32.25 0.95 -14.55
N VAL A 13 31.03 1.38 -14.27
CA VAL A 13 30.22 0.64 -13.30
C VAL A 13 28.85 0.20 -13.82
N THR A 15 25.82 -1.25 -16.42
CA THR A 15 25.58 -2.54 -17.02
C THR A 15 25.41 -2.35 -18.53
N LYS A 16 26.01 -3.21 -19.35
CA LYS A 16 26.26 -2.80 -20.73
C LYS A 16 25.22 -3.11 -21.82
N ASN A 17 25.22 -4.32 -22.34
CA ASN A 17 24.39 -4.65 -23.50
C ASN A 17 23.00 -5.04 -23.00
N VAL A 18 22.26 -4.03 -22.55
CA VAL A 18 21.02 -4.24 -21.81
C VAL A 18 19.83 -4.49 -22.73
N ILE A 19 18.89 -5.29 -22.22
CA ILE A 19 17.67 -5.61 -22.92
C ILE A 19 16.79 -4.37 -22.87
N THR A 20 16.22 -4.02 -24.03
CA THR A 20 15.42 -2.82 -24.21
C THR A 20 14.06 -3.16 -24.84
N ALA A 21 13.12 -2.23 -24.79
CA ALA A 21 11.83 -2.41 -25.43
C ALA A 21 11.59 -1.29 -26.44
N LYS A 22 10.69 -1.53 -27.39
CA LYS A 22 10.24 -0.49 -28.30
C LYS A 22 8.83 -0.07 -27.91
N ARG A 23 8.43 1.15 -28.29
CA ARG A 23 7.11 1.71 -27.95
C ARG A 23 5.91 0.87 -28.41
N HIS A 24 6.07 0.14 -29.50
CA HIS A 24 4.99 -0.64 -30.10
C HIS A 24 4.58 -1.88 -29.31
N GLU A 25 5.47 -2.48 -28.53
CA GLU A 25 5.12 -3.77 -27.91
C GLU A 25 4.22 -3.74 -26.66
N GLY A 26 3.54 -4.86 -26.43
CA GLY A 26 2.59 -5.01 -25.34
C GLY A 26 3.23 -4.92 -23.99
N VAL A 27 2.63 -4.11 -23.12
CA VAL A 27 3.20 -3.90 -21.81
C VAL A 27 3.10 -5.15 -20.93
N VAL A 28 2.01 -5.90 -21.04
CA VAL A 28 1.87 -7.15 -20.27
C VAL A 28 2.96 -8.18 -20.60
N GLU A 29 3.12 -8.50 -21.89
CA GLU A 29 4.19 -9.38 -22.37
C GLU A 29 5.56 -8.90 -21.87
N ALA A 30 5.80 -7.59 -21.87
CA ALA A 30 7.07 -7.06 -21.38
C ALA A 30 7.25 -7.39 -19.90
N PHE A 31 6.20 -7.16 -19.12
CA PHE A 31 6.22 -7.45 -17.68
C PHE A 31 6.59 -8.91 -17.46
N GLU A 32 5.95 -9.81 -18.20
CA GLU A 32 6.28 -11.23 -18.16
C GLU A 32 7.73 -11.55 -18.54
N LYS A 33 8.27 -10.91 -19.57
CA LYS A 33 9.64 -11.18 -19.97
C LYS A 33 10.54 -10.76 -18.80
N LEU A 35 9.76 -10.53 -15.66
CA LEU A 35 9.68 -11.52 -14.59
C LEU A 35 10.55 -12.75 -14.89
N LYS A 36 10.41 -13.29 -16.11
CA LYS A 36 11.14 -14.49 -16.53
C LYS A 36 12.65 -14.31 -16.44
N TYR A 37 13.15 -13.12 -16.71
CA TYR A 37 14.61 -12.97 -16.81
C TYR A 37 15.28 -12.29 -15.64
N LYS A 38 14.48 -11.97 -14.61
CA LYS A 38 14.91 -11.18 -13.45
C LYS A 38 15.46 -9.82 -13.86
N ILE A 39 14.83 -9.21 -14.86
CA ILE A 39 15.17 -7.85 -15.26
C ILE A 39 14.31 -6.92 -14.40
N SER A 40 14.84 -5.76 -14.04
CA SER A 40 14.10 -4.83 -13.20
C SER A 40 13.62 -3.56 -13.92
N SER A 41 14.30 -3.15 -15.00
CA SER A 41 13.75 -2.10 -15.86
C SER A 41 13.96 -2.36 -17.35
N LEU A 42 13.15 -1.75 -18.19
CA LEU A 42 13.40 -1.79 -19.64
C LEU A 42 13.50 -0.39 -20.20
N PRO A 43 14.72 0.08 -20.51
CA PRO A 43 14.76 1.34 -21.23
C PRO A 43 13.98 1.16 -22.50
N VAL A 44 13.30 2.19 -22.94
CA VAL A 44 12.57 2.14 -24.19
C VAL A 44 13.27 3.02 -25.22
N ILE A 45 13.47 2.50 -26.43
CA ILE A 45 14.22 3.20 -27.47
C ILE A 45 13.45 3.38 -28.80
N ASP A 46 13.89 4.35 -29.61
CA ASP A 46 13.40 4.48 -30.98
C ASP A 46 14.29 3.70 -31.95
N ASP A 47 14.01 3.75 -33.26
CA ASP A 47 14.80 3.00 -34.25
C ASP A 47 16.23 3.53 -34.38
N GLU A 48 16.45 4.75 -33.91
CA GLU A 48 17.76 5.41 -33.91
C GLU A 48 18.59 5.07 -32.67
N ASN A 49 18.03 4.23 -31.80
CA ASN A 49 18.61 3.83 -30.50
C ASN A 49 18.68 4.93 -29.43
N LYS A 50 17.92 6.00 -29.62
CA LYS A 50 17.84 7.04 -28.59
C LYS A 50 16.90 6.59 -27.51
N VAL A 51 17.11 7.07 -26.29
CA VAL A 51 16.27 6.72 -25.13
C VAL A 51 15.04 7.61 -25.08
N ILE A 52 13.87 6.98 -25.07
CA ILE A 52 12.57 7.69 -25.12
C ILE A 52 11.74 7.50 -23.85
N GLY A 53 12.17 6.64 -22.96
CA GLY A 53 11.42 6.39 -21.76
C GLY A 53 11.92 5.14 -21.08
N ILE A 54 11.29 4.78 -19.98
CA ILE A 54 11.69 3.59 -19.26
C ILE A 54 10.47 3.04 -18.49
N VAL A 55 10.40 1.72 -18.41
CA VAL A 55 9.39 1.01 -17.63
C VAL A 55 10.13 0.16 -16.63
N THR A 56 9.53 -0.07 -15.47
CA THR A 56 10.11 -0.94 -14.45
C THR A 56 9.10 -2.00 -13.98
N THR A 57 9.58 -3.11 -13.43
CA THR A 57 8.68 -4.13 -12.97
C THR A 57 7.83 -3.60 -11.81
N THR A 58 8.43 -2.85 -10.91
CA THR A 58 7.72 -2.20 -9.81
C THR A 58 6.49 -1.40 -10.26
N ASP A 59 6.69 -0.50 -11.22
CA ASP A 59 5.59 0.31 -11.69
C ASP A 59 4.59 -0.43 -12.61
N ILE A 60 5.08 -1.18 -13.61
CA ILE A 60 4.15 -1.94 -14.43
C ILE A 60 3.33 -2.82 -13.50
N GLY A 61 4.03 -3.54 -12.63
CA GLY A 61 3.43 -4.44 -11.65
C GLY A 61 2.34 -3.82 -10.80
N TYR A 62 2.61 -2.64 -10.28
CA TYR A 62 1.66 -1.89 -9.45
C TYR A 62 0.33 -1.55 -10.15
N ASN A 63 0.38 -1.16 -11.42
CA ASN A 63 -0.86 -0.86 -12.16
C ASN A 63 -1.51 -2.10 -12.72
N LEU A 64 -0.71 -3.12 -13.03
CA LEU A 64 -1.19 -4.35 -13.63
C LEU A 64 -2.12 -5.02 -12.64
N ILE A 65 -1.66 -5.15 -11.41
CA ILE A 65 -2.45 -5.80 -10.37
C ILE A 65 -3.70 -4.99 -10.00
N ARG A 66 -3.75 -3.74 -10.45
CA ARG A 66 -4.92 -2.88 -10.31
C ARG A 66 -5.83 -2.94 -11.56
N ASP A 67 -5.66 -3.97 -12.38
CA ASP A 67 -6.49 -4.23 -13.58
C ASP A 67 -6.53 -3.10 -14.59
N LYS A 68 -5.54 -2.23 -14.55
CA LYS A 68 -5.56 -1.03 -15.37
C LYS A 68 -4.94 -1.24 -16.75
N TYR A 69 -4.50 -2.47 -17.05
CA TYR A 69 -3.91 -2.81 -18.36
C TYR A 69 -4.67 -3.90 -19.09
N THR A 70 -4.55 -3.90 -20.42
CA THR A 70 -5.11 -4.94 -21.26
C THR A 70 -4.02 -5.51 -22.15
N LEU A 71 -4.33 -6.63 -22.79
CA LEU A 71 -3.46 -7.31 -23.73
C LEU A 71 -3.06 -6.42 -24.91
N GLU A 72 -3.88 -5.42 -25.22
CA GLU A 72 -3.55 -4.47 -26.28
C GLU A 72 -2.58 -3.38 -25.81
N THR A 73 -2.66 -2.98 -24.55
CA THR A 73 -1.94 -1.80 -24.10
C THR A 73 -0.43 -1.92 -24.35
N THR A 74 0.15 -0.87 -24.94
CA THR A 74 1.55 -0.92 -25.40
C THR A 74 2.48 -0.27 -24.38
N ILE A 75 3.79 -0.46 -24.54
CA ILE A 75 4.77 0.23 -23.70
C ILE A 75 4.54 1.73 -23.89
N GLY A 76 4.32 2.14 -25.13
CA GLY A 76 4.16 3.55 -25.47
C GLY A 76 3.04 4.27 -24.75
N ASP A 77 1.96 3.55 -24.47
CA ASP A 77 0.85 4.13 -23.73
C ASP A 77 1.30 4.55 -22.34
N VAL A 78 2.10 3.70 -21.69
CA VAL A 78 2.24 3.80 -20.24
C VAL A 78 3.58 4.31 -19.69
N THR A 80 6.63 6.91 -18.77
CA THR A 80 6.67 8.31 -18.35
C THR A 80 7.36 9.12 -19.43
N LYS A 81 6.88 10.33 -19.66
CA LYS A 81 7.43 11.12 -20.73
C LYS A 81 8.75 11.84 -20.45
N ASP A 82 9.05 12.13 -19.19
CA ASP A 82 10.22 12.99 -18.89
C ASP A 82 11.40 12.20 -18.31
N VAL A 83 11.84 11.17 -19.05
CA VAL A 83 12.78 10.15 -18.55
C VAL A 83 14.18 10.64 -18.19
N ILE A 84 14.54 10.56 -16.92
CA ILE A 84 15.85 11.01 -16.47
C ILE A 84 16.95 10.09 -17.02
N THR A 85 17.97 10.67 -17.64
CA THR A 85 19.10 9.88 -18.12
C THR A 85 20.41 10.56 -17.69
N ILE A 86 21.51 9.80 -17.75
CA ILE A 86 22.84 10.29 -17.43
C ILE A 86 23.83 9.94 -18.54
N HIS A 87 24.86 10.78 -18.74
CA HIS A 87 25.92 10.59 -19.75
C HIS A 87 27.01 9.61 -19.26
N GLU A 88 27.57 8.82 -20.17
CA GLU A 88 28.58 7.81 -19.79
C GLU A 88 29.79 8.38 -19.05
N ASP A 89 30.20 9.59 -19.44
CA ASP A 89 31.41 10.18 -18.87
C ASP A 89 31.23 10.91 -17.53
N ALA A 90 29.98 11.04 -17.09
CA ALA A 90 29.69 11.63 -15.79
C ALA A 90 30.32 10.85 -14.62
N SER A 91 30.55 11.52 -13.50
CA SER A 91 31.13 10.86 -12.32
C SER A 91 30.05 10.16 -11.49
N ILE A 92 30.45 9.18 -10.70
CA ILE A 92 29.53 8.49 -9.79
C ILE A 92 28.79 9.44 -8.84
N LEU A 93 29.50 10.38 -8.22
CA LEU A 93 28.82 11.36 -7.36
C LEU A 93 27.69 12.07 -8.15
N GLU A 94 27.95 12.45 -9.41
CA GLU A 94 26.89 12.94 -10.29
C GLU A 94 25.68 11.98 -10.40
N ALA A 95 25.93 10.70 -10.65
CA ALA A 95 24.87 9.69 -10.73
C ALA A 95 24.05 9.65 -9.46
N ILE A 96 24.77 9.62 -8.32
CA ILE A 96 24.14 9.66 -7.02
C ILE A 96 23.19 10.86 -6.88
N LYS A 97 23.66 12.05 -7.24
CA LYS A 97 22.80 13.22 -7.13
C LYS A 97 21.58 13.15 -8.05
N LYS A 98 21.76 12.63 -9.26
CA LYS A 98 20.66 12.60 -10.21
C LYS A 98 19.61 11.59 -9.77
N ASP A 100 18.89 10.94 -6.65
CA ASP A 100 18.18 11.47 -5.53
C ASP A 100 17.20 12.58 -5.94
N ILE A 101 16.70 12.53 -7.17
CA ILE A 101 15.56 13.38 -7.56
C ILE A 101 14.28 12.56 -7.74
N SER A 102 13.35 12.71 -6.80
CA SER A 102 12.11 11.96 -6.83
C SER A 102 10.89 12.89 -6.94
N ILE A 108 12.74 6.87 -4.48
CA ILE A 108 13.71 7.46 -5.39
C ILE A 108 13.59 6.84 -6.78
N ILE A 109 14.60 7.09 -7.60
CA ILE A 109 14.80 6.45 -8.90
C ILE A 109 15.87 5.38 -8.64
N ASN A 110 15.63 4.15 -9.10
CA ASN A 110 16.56 3.04 -8.84
C ASN A 110 17.59 2.79 -9.95
N GLN A 111 17.33 3.35 -11.14
CA GLN A 111 18.12 3.10 -12.34
C GLN A 111 18.11 4.31 -13.23
N LEU A 112 19.26 4.72 -13.74
CA LEU A 112 19.25 5.66 -14.84
C LEU A 112 19.73 4.97 -16.11
N PRO A 113 19.01 5.19 -17.22
CA PRO A 113 19.54 4.91 -18.54
C PRO A 113 20.79 5.75 -18.77
N VAL A 114 21.83 5.13 -19.30
CA VAL A 114 23.07 5.83 -19.62
C VAL A 114 23.15 6.06 -21.13
N VAL A 115 23.54 7.25 -21.54
CA VAL A 115 23.67 7.52 -22.94
C VAL A 115 25.06 8.09 -23.24
N ASP A 116 25.49 7.98 -24.49
CA ASP A 116 26.82 8.46 -24.86
C ASP A 116 26.75 9.87 -25.41
N LYS A 117 27.86 10.35 -25.94
CA LYS A 117 27.97 11.64 -26.64
C LYS A 117 26.71 12.08 -27.42
N ASN A 118 26.13 11.12 -28.13
CA ASN A 118 25.01 11.39 -29.05
C ASN A 118 23.66 10.89 -28.55
N ASN A 119 23.53 10.74 -27.24
CA ASN A 119 22.28 10.27 -26.60
C ASN A 119 21.74 8.94 -27.09
N LYS A 120 22.66 8.13 -27.62
CA LYS A 120 22.38 6.72 -27.92
C LYS A 120 22.58 5.95 -26.61
N LEU A 121 21.62 5.09 -26.29
CA LEU A 121 21.71 4.26 -25.10
C LEU A 121 23.00 3.44 -25.12
N VAL A 122 23.71 3.39 -23.99
CA VAL A 122 24.87 2.52 -23.89
C VAL A 122 24.79 1.56 -22.70
N GLY A 123 23.88 1.82 -21.75
CA GLY A 123 23.78 1.01 -20.54
C GLY A 123 22.80 1.57 -19.50
N ILE A 124 22.79 0.96 -18.33
CA ILE A 124 21.94 1.37 -17.22
C ILE A 124 22.82 1.39 -15.97
N ILE A 125 22.69 2.42 -15.15
CA ILE A 125 23.34 2.39 -13.86
C ILE A 125 22.28 2.30 -12.79
N SER A 126 22.57 1.52 -11.77
CA SER A 126 21.60 1.28 -10.71
C SER A 126 22.08 1.62 -9.30
N ASP A 127 21.13 1.85 -8.42
CA ASP A 127 21.22 1.49 -7.02
C ASP A 127 22.41 0.61 -6.64
N GLY A 128 22.29 -0.68 -7.00
CA GLY A 128 23.28 -1.71 -6.74
C GLY A 128 24.69 -1.45 -7.26
N ASP A 129 24.82 -1.01 -8.51
CA ASP A 129 26.15 -0.74 -9.08
C ASP A 129 26.88 0.24 -8.17
N ILE A 130 26.14 1.26 -7.76
CA ILE A 130 26.72 2.31 -6.97
C ILE A 130 27.12 1.81 -5.58
N ILE A 131 26.25 1.02 -4.95
CA ILE A 131 26.58 0.37 -3.68
C ILE A 131 27.81 -0.57 -3.83
N ARG A 132 27.80 -1.40 -4.87
CA ARG A 132 28.92 -2.26 -5.20
C ARG A 132 30.24 -1.49 -5.35
N THR A 133 30.17 -0.26 -5.83
CA THR A 133 31.34 0.54 -6.05
C THR A 133 31.78 1.19 -4.76
N ILE A 134 30.85 1.82 -4.05
CA ILE A 134 31.19 2.43 -2.76
C ILE A 134 31.78 1.38 -1.81
N SER A 135 31.36 0.14 -1.98
CA SER A 135 31.95 -0.97 -1.25
C SER A 135 33.45 -1.14 -1.57
N LYS A 136 33.82 -1.02 -2.85
CA LYS A 136 35.22 -1.19 -3.27
C LYS A 136 36.23 -0.26 -2.57
N ILE A 137 35.81 0.96 -2.25
CA ILE A 137 36.63 1.86 -1.43
C ILE A 137 36.57 1.46 0.05
N ASP B 3 29.31 14.45 10.18
CA ASP B 3 28.61 13.34 9.46
C ASP B 3 29.45 12.69 8.37
N THR B 4 29.58 11.37 8.46
CA THR B 4 30.30 10.55 7.48
C THR B 4 29.71 9.15 7.55
N LEU B 5 29.99 8.30 6.57
CA LEU B 5 29.34 6.96 6.53
C LEU B 5 29.58 6.14 7.79
N LYS B 6 30.66 6.49 8.51
CA LYS B 6 31.00 5.87 9.80
C LYS B 6 30.21 6.50 10.94
N ASN B 7 29.98 7.82 10.87
CA ASN B 7 29.22 8.59 11.89
C ASN B 7 27.73 8.25 11.99
N ILE B 8 27.16 7.73 10.90
CA ILE B 8 25.70 7.59 10.77
C ILE B 8 25.19 6.19 11.08
N LYS B 9 24.30 6.12 12.07
CA LYS B 9 23.65 4.88 12.50
C LYS B 9 22.54 4.45 11.55
N VAL B 10 22.54 3.15 11.25
CA VAL B 10 21.48 2.49 10.48
C VAL B 10 20.09 2.90 10.96
N LYS B 11 19.91 3.05 12.28
CA LYS B 11 18.65 3.55 12.86
C LYS B 11 18.15 4.85 12.20
N ASP B 12 19.07 5.76 11.91
CA ASP B 12 18.75 7.10 11.41
C ASP B 12 18.21 7.10 9.99
N VAL B 13 18.52 6.05 9.22
CA VAL B 13 18.14 6.10 7.81
C VAL B 13 17.19 5.02 7.32
N THR B 15 13.89 2.47 6.91
CA THR B 15 12.44 2.58 6.85
C THR B 15 11.84 1.82 8.04
N LYS B 16 10.90 2.43 8.73
CA LYS B 16 10.18 1.74 9.81
C LYS B 16 8.81 1.33 9.27
N ASN B 17 8.00 0.75 10.13
CA ASN B 17 6.60 0.43 9.79
C ASN B 17 6.47 -0.52 8.60
N VAL B 18 7.44 -1.43 8.43
CA VAL B 18 7.50 -2.26 7.23
C VAL B 18 6.49 -3.41 7.27
N ILE B 19 5.94 -3.77 6.12
CA ILE B 19 5.04 -4.92 6.10
C ILE B 19 5.85 -6.18 5.94
N THR B 20 5.31 -7.28 6.47
CA THR B 20 6.05 -8.53 6.60
C THR B 20 5.15 -9.67 6.17
N ALA B 21 5.68 -10.88 6.26
CA ALA B 21 4.97 -12.07 5.82
C ALA B 21 5.14 -13.15 6.87
N LYS B 22 4.10 -13.96 7.09
CA LYS B 22 4.22 -15.11 7.98
C LYS B 22 4.54 -16.36 7.16
N ARG B 23 5.09 -17.38 7.81
CA ARG B 23 5.64 -18.49 7.05
C ARG B 23 4.60 -19.33 6.31
N HIS B 24 3.35 -19.24 6.74
CA HIS B 24 2.30 -20.10 6.19
C HIS B 24 1.43 -19.40 5.15
N GLU B 25 1.72 -18.13 4.88
CA GLU B 25 1.05 -17.36 3.84
C GLU B 25 1.39 -17.91 2.45
N GLY B 26 0.38 -17.94 1.57
CA GLY B 26 0.54 -18.42 0.20
C GLY B 26 1.53 -17.58 -0.59
N VAL B 27 2.33 -18.23 -1.42
CA VAL B 27 3.35 -17.47 -2.15
C VAL B 27 2.69 -16.51 -3.14
N VAL B 28 1.54 -16.91 -3.68
CA VAL B 28 0.88 -16.14 -4.75
C VAL B 28 0.26 -14.83 -4.24
N GLU B 29 -0.42 -14.90 -3.10
CA GLU B 29 -1.05 -13.72 -2.48
C GLU B 29 -0.03 -12.71 -1.94
N ALA B 30 1.10 -13.22 -1.47
CA ALA B 30 2.22 -12.40 -1.07
C ALA B 30 2.87 -11.69 -2.26
N PHE B 31 2.97 -12.38 -3.40
CA PHE B 31 3.43 -11.73 -4.64
C PHE B 31 2.50 -10.57 -4.98
N GLU B 32 1.20 -10.84 -4.93
CA GLU B 32 0.19 -9.86 -5.27
C GLU B 32 0.22 -8.65 -4.34
N LYS B 33 0.54 -8.92 -3.08
CA LYS B 33 0.65 -7.90 -2.04
C LYS B 33 1.87 -7.02 -2.31
N LEU B 35 3.27 -6.41 -5.17
CA LEU B 35 3.04 -5.52 -6.31
C LEU B 35 2.12 -4.38 -5.93
N LYS B 36 1.09 -4.68 -5.14
CA LYS B 36 0.08 -3.69 -4.76
C LYS B 36 0.70 -2.50 -4.02
N TYR B 37 1.65 -2.81 -3.14
CA TYR B 37 2.29 -1.84 -2.27
C TYR B 37 3.67 -1.37 -2.75
N LYS B 38 4.07 -1.76 -3.97
CA LYS B 38 5.36 -1.33 -4.57
C LYS B 38 6.62 -1.78 -3.80
N ILE B 39 6.57 -2.92 -3.13
CA ILE B 39 7.69 -3.34 -2.34
C ILE B 39 8.39 -4.48 -3.05
N SER B 40 9.65 -4.72 -2.69
CA SER B 40 10.51 -5.64 -3.45
C SER B 40 11.12 -6.75 -2.60
N SER B 41 11.08 -6.61 -1.28
CA SER B 41 11.31 -7.76 -0.43
C SER B 41 10.45 -7.73 0.84
N LEU B 42 9.93 -8.90 1.21
CA LEU B 42 9.15 -9.09 2.43
C LEU B 42 9.97 -9.86 3.43
N PRO B 43 10.32 -9.23 4.57
CA PRO B 43 10.90 -10.01 5.64
C PRO B 43 9.88 -11.00 6.14
N VAL B 44 10.30 -12.22 6.39
CA VAL B 44 9.39 -13.22 6.94
C VAL B 44 9.66 -13.30 8.44
N ILE B 45 8.60 -13.17 9.23
CA ILE B 45 8.72 -13.22 10.69
C ILE B 45 7.88 -14.31 11.37
N ASP B 46 8.24 -14.63 12.61
CA ASP B 46 7.44 -15.53 13.43
C ASP B 46 6.55 -14.68 14.32
N ASP B 47 5.64 -15.32 15.05
CA ASP B 47 4.65 -14.62 15.88
C ASP B 47 5.28 -13.73 16.97
N GLU B 48 6.61 -13.82 17.13
CA GLU B 48 7.32 -12.97 18.08
C GLU B 48 8.22 -11.88 17.47
N ASN B 49 8.01 -11.59 16.18
CA ASN B 49 8.68 -10.49 15.45
C ASN B 49 10.18 -10.75 15.20
N LYS B 50 10.59 -12.01 15.40
CA LYS B 50 11.95 -12.46 15.07
C LYS B 50 12.03 -12.73 13.54
N VAL B 51 13.12 -12.30 12.89
CA VAL B 51 13.27 -12.51 11.45
C VAL B 51 13.65 -13.95 11.13
N ILE B 52 12.80 -14.68 10.41
CA ILE B 52 13.10 -16.10 10.05
C ILE B 52 13.36 -16.34 8.56
N GLY B 53 13.34 -15.28 7.77
CA GLY B 53 13.67 -15.39 6.35
C GLY B 53 13.36 -14.14 5.56
N ILE B 54 13.60 -14.21 4.27
CA ILE B 54 13.20 -13.13 3.39
C ILE B 54 12.78 -13.71 2.02
N VAL B 55 11.80 -13.07 1.39
CA VAL B 55 11.45 -13.35 0.01
C VAL B 55 11.55 -12.07 -0.81
N THR B 56 11.95 -12.18 -2.08
CA THR B 56 11.94 -11.01 -2.96
C THR B 56 10.92 -11.16 -4.08
N THR B 57 10.48 -10.03 -4.61
CA THR B 57 9.56 -9.96 -5.75
C THR B 57 10.18 -10.53 -7.02
N THR B 58 11.42 -10.13 -7.30
CA THR B 58 12.23 -10.67 -8.39
C THR B 58 12.23 -12.20 -8.40
N ASP B 59 12.56 -12.83 -7.27
CA ASP B 59 12.61 -14.29 -7.22
C ASP B 59 11.24 -14.97 -7.20
N ILE B 60 10.27 -14.42 -6.47
CA ILE B 60 8.89 -14.99 -6.55
C ILE B 60 8.39 -14.89 -7.99
N GLY B 61 8.42 -13.69 -8.57
CA GLY B 61 7.99 -13.44 -9.94
C GLY B 61 8.61 -14.44 -10.90
N TYR B 62 9.93 -14.56 -10.85
CA TYR B 62 10.65 -15.50 -11.67
C TYR B 62 10.08 -16.91 -11.54
N ASN B 63 9.76 -17.36 -10.33
CA ASN B 63 9.27 -18.74 -10.12
C ASN B 63 7.82 -18.96 -10.51
N LEU B 64 6.98 -17.94 -10.31
CA LEU B 64 5.59 -17.97 -10.80
C LEU B 64 5.50 -18.05 -12.31
N ILE B 65 6.14 -17.09 -12.99
CA ILE B 65 6.00 -16.98 -14.43
C ILE B 65 6.58 -18.22 -15.13
N ARG B 66 7.38 -18.99 -14.38
CA ARG B 66 8.02 -20.18 -14.90
C ARG B 66 7.30 -21.43 -14.42
N ASP B 67 6.13 -21.23 -13.81
CA ASP B 67 5.27 -22.30 -13.30
C ASP B 67 5.89 -23.19 -12.23
N LYS B 68 6.82 -22.66 -11.47
CA LYS B 68 7.54 -23.48 -10.48
C LYS B 68 6.81 -23.68 -9.16
N TYR B 69 5.63 -23.06 -9.01
CA TYR B 69 4.88 -23.11 -7.74
C TYR B 69 3.42 -23.54 -7.88
N THR B 70 2.96 -24.42 -6.99
CA THR B 70 1.53 -24.81 -6.98
C THR B 70 0.64 -23.88 -6.12
N LEU B 71 -0.60 -24.30 -5.94
CA LEU B 71 -1.58 -23.60 -5.09
C LEU B 71 -1.15 -23.64 -3.62
N GLU B 72 -0.52 -24.74 -3.22
CA GLU B 72 -0.19 -25.00 -1.83
C GLU B 72 1.18 -24.48 -1.43
N THR B 73 1.87 -23.82 -2.35
CA THR B 73 3.20 -23.28 -2.05
C THR B 73 3.10 -22.06 -1.15
N THR B 74 3.63 -22.21 0.07
CA THR B 74 3.68 -21.16 1.07
C THR B 74 4.99 -20.40 1.03
N ILE B 75 4.98 -19.22 1.65
CA ILE B 75 6.20 -18.47 1.89
C ILE B 75 7.30 -19.33 2.50
N GLY B 76 6.94 -20.19 3.46
CA GLY B 76 7.91 -21.01 4.16
C GLY B 76 8.58 -22.06 3.29
N ASP B 77 7.88 -22.50 2.25
CA ASP B 77 8.46 -23.42 1.28
C ASP B 77 9.62 -22.80 0.48
N VAL B 78 9.58 -21.50 0.25
CA VAL B 78 10.49 -20.89 -0.72
C VAL B 78 11.50 -19.90 -0.15
N THR B 80 14.40 -17.69 1.41
CA THR B 80 15.80 -17.71 1.82
C THR B 80 15.91 -17.83 3.36
N LYS B 81 16.69 -18.82 3.80
CA LYS B 81 16.75 -19.17 5.22
C LYS B 81 17.82 -18.41 6.01
N ASP B 82 19.07 -18.53 5.59
CA ASP B 82 20.22 -18.06 6.40
C ASP B 82 20.39 -16.56 6.30
N VAL B 83 19.35 -15.86 6.77
CA VAL B 83 19.09 -14.47 6.41
C VAL B 83 20.01 -13.48 7.13
N ILE B 84 20.58 -12.59 6.34
CA ILE B 84 21.48 -11.57 6.82
C ILE B 84 20.70 -10.36 7.29
N THR B 85 20.92 -9.99 8.56
CA THR B 85 20.33 -8.82 9.15
C THR B 85 21.41 -7.87 9.63
N ILE B 86 21.05 -6.63 9.90
CA ILE B 86 22.00 -5.71 10.49
C ILE B 86 21.39 -5.12 11.76
N HIS B 87 22.22 -4.86 12.77
CA HIS B 87 21.78 -4.22 14.01
CA HIS B 87 21.77 -4.23 14.00
C HIS B 87 21.62 -2.71 13.83
N GLU B 88 20.54 -2.17 14.40
CA GLU B 88 20.21 -0.74 14.25
C GLU B 88 21.28 0.25 14.72
N ASP B 89 22.11 -0.15 15.68
CA ASP B 89 23.24 0.66 16.15
C ASP B 89 24.46 0.71 15.21
N ALA B 90 24.50 -0.16 14.21
CA ALA B 90 25.63 -0.24 13.29
C ALA B 90 25.68 0.96 12.33
N SER B 91 26.82 1.16 11.69
CA SER B 91 26.96 2.27 10.76
C SER B 91 26.52 1.87 9.36
N ILE B 92 26.21 2.88 8.56
CA ILE B 92 25.88 2.73 7.15
C ILE B 92 26.97 1.99 6.41
N LEU B 93 28.22 2.23 6.81
CA LEU B 93 29.36 1.53 6.20
C LEU B 93 29.23 0.01 6.38
N GLU B 94 28.99 -0.44 7.62
CA GLU B 94 28.64 -1.86 7.86
C GLU B 94 27.47 -2.37 7.02
N ALA B 95 26.43 -1.54 6.86
CA ALA B 95 25.33 -1.86 5.96
C ALA B 95 25.87 -2.12 4.54
N ILE B 96 26.54 -1.11 3.98
CA ILE B 96 27.18 -1.24 2.69
C ILE B 96 27.96 -2.56 2.57
N LYS B 97 28.85 -2.85 3.52
CA LYS B 97 29.69 -4.06 3.44
C LYS B 97 28.88 -5.35 3.40
N LYS B 98 27.90 -5.45 4.30
CA LYS B 98 27.00 -6.60 4.40
C LYS B 98 26.17 -6.74 3.13
N ASP B 100 27.45 -5.95 -0.01
CA ASP B 100 28.26 -6.53 -1.08
C ASP B 100 28.76 -7.96 -0.77
N ILE B 101 28.90 -8.32 0.50
CA ILE B 101 29.38 -9.67 0.81
C ILE B 101 28.25 -10.74 0.72
N ILE B 108 23.63 -10.03 -4.68
CA ILE B 108 22.74 -9.05 -5.31
C ILE B 108 21.50 -8.79 -4.45
N ILE B 109 21.73 -8.44 -3.18
CA ILE B 109 20.63 -8.09 -2.26
C ILE B 109 20.44 -6.56 -2.16
N ASN B 110 19.26 -6.08 -2.50
CA ASN B 110 18.99 -4.66 -2.45
C ASN B 110 18.67 -4.11 -1.06
N GLN B 111 18.38 -4.99 -0.11
CA GLN B 111 17.81 -4.58 1.19
C GLN B 111 18.25 -5.49 2.36
N LEU B 112 18.44 -4.88 3.54
CA LEU B 112 18.71 -5.61 4.77
C LEU B 112 17.59 -5.39 5.79
N PRO B 113 17.05 -6.49 6.38
CA PRO B 113 16.19 -6.34 7.54
C PRO B 113 17.06 -5.98 8.72
N VAL B 114 16.58 -5.05 9.55
CA VAL B 114 17.28 -4.50 10.70
C VAL B 114 16.60 -4.96 11.98
N VAL B 115 17.42 -5.42 12.92
CA VAL B 115 17.01 -6.01 14.16
C VAL B 115 17.57 -5.21 15.34
N ASP B 116 16.94 -5.33 16.51
CA ASP B 116 17.38 -4.61 17.71
C ASP B 116 18.22 -5.47 18.64
N LYS B 117 18.57 -4.92 19.81
CA LYS B 117 19.34 -5.63 20.83
C LYS B 117 18.97 -7.12 20.94
N ASN B 118 17.71 -7.45 20.62
CA ASN B 118 17.18 -8.82 20.81
C ASN B 118 16.64 -9.52 19.56
N ASN B 119 17.16 -9.12 18.39
CA ASN B 119 16.81 -9.76 17.12
C ASN B 119 15.32 -9.67 16.69
N LYS B 120 14.65 -8.65 17.22
CA LYS B 120 13.32 -8.29 16.76
C LYS B 120 13.42 -7.30 15.60
N LEU B 121 12.61 -7.52 14.59
CA LEU B 121 12.62 -6.68 13.41
C LEU B 121 12.15 -5.24 13.69
N VAL B 122 13.01 -4.24 13.42
CA VAL B 122 12.62 -2.83 13.58
C VAL B 122 12.44 -2.08 12.27
N GLY B 123 13.13 -2.53 11.23
CA GLY B 123 12.94 -1.91 9.92
C GLY B 123 13.77 -2.57 8.82
N ILE B 124 13.90 -1.83 7.72
CA ILE B 124 14.59 -2.29 6.54
C ILE B 124 15.47 -1.18 6.01
N ILE B 125 16.74 -1.46 5.75
CA ILE B 125 17.60 -0.48 5.11
C ILE B 125 17.89 -0.94 3.68
N SER B 126 17.66 -0.03 2.73
CA SER B 126 17.72 -0.40 1.32
C SER B 126 18.85 0.36 0.62
N ASP B 127 19.28 -0.11 -0.56
CA ASP B 127 20.19 0.61 -1.42
C ASP B 127 19.74 2.04 -1.66
N GLY B 128 18.45 2.26 -1.87
CA GLY B 128 17.85 3.58 -2.00
C GLY B 128 18.12 4.50 -0.84
N ASP B 129 17.91 4.02 0.39
CA ASP B 129 18.08 4.87 1.58
C ASP B 129 19.55 5.27 1.73
N ILE B 130 20.44 4.36 1.33
CA ILE B 130 21.87 4.63 1.40
C ILE B 130 22.23 5.69 0.36
N ILE B 131 21.87 5.49 -0.90
CA ILE B 131 21.99 6.54 -1.91
C ILE B 131 21.48 7.92 -1.40
N ARG B 132 20.33 7.94 -0.73
CA ARG B 132 19.77 9.21 -0.26
C ARG B 132 20.58 9.81 0.89
N THR B 133 21.31 8.98 1.64
CA THR B 133 22.22 9.48 2.66
C THR B 133 23.53 10.00 2.06
N ILE B 134 24.10 9.27 1.12
CA ILE B 134 25.36 9.67 0.52
C ILE B 134 25.21 11.00 -0.21
N SER B 135 24.10 11.15 -0.94
CA SER B 135 23.70 12.38 -1.60
C SER B 135 23.84 13.63 -0.68
N LYS B 136 23.48 13.49 0.59
CA LYS B 136 23.64 14.56 1.57
C LYS B 136 25.11 14.97 1.75
N ILE B 137 26.01 14.26 1.05
CA ILE B 137 27.43 14.64 0.89
C ILE B 137 27.89 14.35 -0.56
N THR C 4 -29.72 -16.61 1.79
CA THR C 4 -28.64 -17.43 1.29
C THR C 4 -27.35 -17.05 2.03
N LEU C 5 -27.44 -16.01 2.85
CA LEU C 5 -26.39 -15.63 3.79
C LEU C 5 -26.08 -16.69 4.84
N LYS C 6 -27.00 -17.64 5.02
CA LYS C 6 -26.87 -18.64 6.07
C LYS C 6 -25.82 -19.62 5.62
N ASN C 7 -25.76 -19.82 4.33
CA ASN C 7 -24.90 -20.83 3.72
C ASN C 7 -23.54 -20.31 3.19
N ILE C 8 -23.15 -19.11 3.57
CA ILE C 8 -21.81 -18.67 3.21
C ILE C 8 -20.96 -18.51 4.48
N LYS C 9 -19.78 -19.12 4.47
CA LYS C 9 -18.90 -19.04 5.62
C LYS C 9 -18.03 -17.81 5.55
N VAL C 10 -17.96 -17.14 6.69
CA VAL C 10 -17.06 -16.01 6.93
C VAL C 10 -15.68 -16.27 6.32
N LYS C 11 -15.16 -17.49 6.44
CA LYS C 11 -13.81 -17.81 5.93
C LYS C 11 -13.69 -17.65 4.41
N ASP C 12 -14.83 -17.69 3.72
CA ASP C 12 -14.85 -17.58 2.26
C ASP C 12 -15.10 -16.13 1.86
N VAL C 13 -15.45 -15.28 2.82
CA VAL C 13 -15.62 -13.86 2.49
C VAL C 13 -14.52 -12.93 3.03
N THR C 15 -11.12 -11.05 4.53
CA THR C 15 -9.85 -10.66 3.99
C THR C 15 -8.73 -11.39 4.76
N LYS C 16 -7.72 -11.86 4.03
CA LYS C 16 -6.80 -12.88 4.54
C LYS C 16 -5.56 -12.38 5.31
N ASN C 17 -4.70 -11.60 4.69
CA ASN C 17 -3.36 -11.43 5.28
C ASN C 17 -3.20 -10.24 6.17
N VAL C 18 -4.21 -10.01 7.00
CA VAL C 18 -4.39 -8.76 7.72
C VAL C 18 -3.11 -8.19 8.32
N ILE C 19 -2.90 -6.88 8.14
CA ILE C 19 -1.80 -6.17 8.78
C ILE C 19 -2.18 -5.90 10.21
N THR C 20 -1.26 -6.15 11.12
CA THR C 20 -1.55 -6.10 12.56
C THR C 20 -0.60 -5.15 13.36
N ALA C 21 -0.94 -4.94 14.64
CA ALA C 21 -0.19 -4.07 15.53
C ALA C 21 0.11 -4.82 16.81
N LYS C 22 1.20 -4.42 17.48
CA LYS C 22 1.53 -4.97 18.79
C LYS C 22 1.33 -3.85 19.80
N ARG C 23 1.07 -4.22 21.06
CA ARG C 23 0.59 -3.28 22.07
C ARG C 23 1.61 -2.22 22.51
N HIS C 24 2.90 -2.50 22.27
CA HIS C 24 3.94 -1.61 22.75
CA HIS C 24 3.99 -1.66 22.73
C HIS C 24 4.40 -0.58 21.73
N GLU C 25 3.93 -0.70 20.48
CA GLU C 25 4.38 0.25 19.45
C GLU C 25 3.55 1.51 19.41
N GLY C 26 4.15 2.58 18.89
CA GLY C 26 3.58 3.93 18.93
C GLY C 26 2.30 4.10 18.14
N VAL C 27 1.32 4.75 18.76
CA VAL C 27 0.04 5.03 18.11
C VAL C 27 0.14 6.05 16.96
N VAL C 28 0.98 7.07 17.11
CA VAL C 28 1.30 7.98 16.02
C VAL C 28 1.86 7.24 14.79
N GLU C 29 2.91 6.43 15.00
CA GLU C 29 3.46 5.60 13.92
C GLU C 29 2.43 4.58 13.36
N ALA C 30 1.61 3.96 14.22
CA ALA C 30 0.51 3.12 13.72
C ALA C 30 -0.42 3.90 12.79
N PHE C 31 -0.77 5.12 13.17
CA PHE C 31 -1.67 5.93 12.37
C PHE C 31 -1.10 6.21 10.98
N GLU C 32 0.15 6.70 10.91
CA GLU C 32 0.81 6.93 9.63
C GLU C 32 0.83 5.67 8.75
N LYS C 33 0.99 4.51 9.39
CA LYS C 33 0.97 3.21 8.70
C LYS C 33 -0.41 2.86 8.14
N LEU C 35 -2.62 5.10 7.34
CA LEU C 35 -2.72 6.02 6.21
C LEU C 35 -1.93 5.58 4.96
N LYS C 36 -0.75 4.98 5.16
CA LYS C 36 0.14 4.57 4.07
C LYS C 36 -0.37 3.37 3.28
N TYR C 37 -1.10 2.47 3.93
CA TYR C 37 -1.55 1.24 3.28
C TYR C 37 -3.06 1.15 3.07
N LYS C 38 -3.76 2.28 3.27
CA LYS C 38 -5.21 2.38 3.09
C LYS C 38 -5.99 1.39 3.97
N ILE C 39 -5.62 1.30 5.24
CA ILE C 39 -6.35 0.50 6.21
C ILE C 39 -7.11 1.38 7.20
N SER C 40 -8.27 0.91 7.64
CA SER C 40 -9.13 1.68 8.53
C SER C 40 -9.11 1.13 9.96
N SER C 41 -8.66 -0.11 10.13
CA SER C 41 -8.51 -0.68 11.46
C SER C 41 -7.32 -1.63 11.53
N LEU C 42 -6.81 -1.84 12.74
CA LEU C 42 -5.59 -2.59 12.95
C LEU C 42 -5.84 -3.52 14.11
N PRO C 43 -5.98 -4.83 13.85
CA PRO C 43 -6.11 -5.69 15.01
C PRO C 43 -4.80 -5.76 15.80
N VAL C 44 -4.93 -5.71 17.13
CA VAL C 44 -3.78 -5.82 18.01
C VAL C 44 -3.68 -7.23 18.54
N ILE C 45 -2.50 -7.83 18.38
CA ILE C 45 -2.29 -9.21 18.82
C ILE C 45 -1.13 -9.33 19.78
N ASP C 46 -1.18 -10.33 20.63
CA ASP C 46 -0.05 -10.64 21.52
C ASP C 46 0.91 -11.61 20.82
N ASP C 47 1.92 -12.10 21.54
CA ASP C 47 2.95 -12.92 20.90
C ASP C 47 2.49 -14.34 20.53
N GLU C 48 1.24 -14.65 20.80
CA GLU C 48 0.67 -15.93 20.38
C GLU C 48 -0.40 -15.75 19.32
N ASN C 49 -0.45 -14.58 18.70
CA ASN C 49 -1.43 -14.29 17.67
C ASN C 49 -2.90 -14.34 18.14
N LYS C 50 -3.11 -14.19 19.44
CA LYS C 50 -4.47 -14.00 19.98
C LYS C 50 -4.83 -12.53 19.86
N VAL C 51 -6.12 -12.24 19.59
CA VAL C 51 -6.63 -10.86 19.48
C VAL C 51 -6.84 -10.20 20.87
N ILE C 52 -6.09 -9.12 21.10
CA ILE C 52 -6.06 -8.36 22.37
C ILE C 52 -6.77 -6.99 22.29
N GLY C 53 -6.81 -6.40 21.10
CA GLY C 53 -7.52 -5.14 20.90
C GLY C 53 -7.64 -4.72 19.44
N ILE C 54 -8.10 -3.48 19.23
CA ILE C 54 -8.17 -2.91 17.90
C ILE C 54 -8.14 -1.41 18.02
N VAL C 55 -7.59 -0.78 17.00
CA VAL C 55 -7.54 0.65 16.90
C VAL C 55 -8.01 0.97 15.50
N THR C 56 -8.73 2.08 15.34
CA THR C 56 -9.25 2.47 14.02
C THR C 56 -8.71 3.83 13.58
N THR C 57 -8.60 4.08 12.28
CA THR C 57 -8.09 5.38 11.83
C THR C 57 -8.96 6.50 12.37
N THR C 58 -10.27 6.27 12.35
CA THR C 58 -11.29 7.16 12.85
C THR C 58 -11.05 7.59 14.30
N ASP C 59 -10.79 6.63 15.19
CA ASP C 59 -10.56 6.95 16.59
C ASP C 59 -9.17 7.56 16.84
N ILE C 60 -8.11 6.94 16.31
CA ILE C 60 -6.76 7.49 16.45
C ILE C 60 -6.70 8.90 15.86
N GLY C 61 -7.24 9.08 14.65
CA GLY C 61 -7.19 10.39 13.98
C GLY C 61 -7.87 11.51 14.74
N TYR C 62 -9.04 11.18 15.29
CA TYR C 62 -9.77 12.07 16.15
C TYR C 62 -8.98 12.51 17.39
N ASN C 63 -8.42 11.58 18.16
CA ASN C 63 -7.68 11.98 19.35
C ASN C 63 -6.37 12.68 18.98
N LEU C 64 -5.75 12.23 17.88
CA LEU C 64 -4.56 12.85 17.32
C LEU C 64 -4.78 14.31 16.95
N ILE C 65 -5.91 14.61 16.31
CA ILE C 65 -6.18 15.95 15.82
C ILE C 65 -6.53 16.93 16.94
N ARG C 66 -6.82 16.41 18.13
CA ARG C 66 -7.12 17.25 19.28
C ARG C 66 -5.97 17.21 20.30
N ASP C 67 -4.82 16.76 19.80
CA ASP C 67 -3.52 16.82 20.50
C ASP C 67 -3.52 16.00 21.78
N LYS C 68 -4.34 14.95 21.79
CA LYS C 68 -4.45 14.10 22.97
C LYS C 68 -3.33 13.04 23.05
N TYR C 69 -2.48 12.96 22.01
CA TYR C 69 -1.43 11.93 21.95
C TYR C 69 -0.01 12.49 21.91
N THR C 70 0.93 11.75 22.50
CA THR C 70 2.35 12.01 22.29
C THR C 70 3.00 10.83 21.57
N LEU C 71 4.26 11.00 21.17
CA LEU C 71 5.03 9.94 20.54
C LEU C 71 5.41 8.86 21.57
N GLU C 72 5.16 9.13 22.83
CA GLU C 72 5.42 8.15 23.89
C GLU C 72 4.25 7.18 24.11
N THR C 73 3.05 7.58 23.69
CA THR C 73 1.86 6.74 23.93
C THR C 73 1.76 5.57 22.95
N THR C 74 1.52 4.40 23.53
CA THR C 74 1.52 3.14 22.81
C THR C 74 0.12 2.78 22.34
N ILE C 75 0.05 1.87 21.36
CA ILE C 75 -1.20 1.21 20.98
C ILE C 75 -1.96 0.71 22.22
N GLY C 76 -1.23 0.09 23.16
CA GLY C 76 -1.84 -0.55 24.33
C GLY C 76 -2.61 0.40 25.24
N ASP C 77 -2.09 1.63 25.35
CA ASP C 77 -2.73 2.67 26.13
C ASP C 77 -4.10 3.05 25.60
N VAL C 78 -4.37 2.76 24.34
CA VAL C 78 -5.48 3.41 23.64
C VAL C 78 -6.40 2.43 22.90
N THR C 80 -9.14 -0.21 21.88
CA THR C 80 -10.42 -0.71 22.38
C THR C 80 -10.16 -2.15 22.83
N LYS C 81 -10.57 -2.50 24.04
CA LYS C 81 -10.16 -3.79 24.62
C LYS C 81 -11.15 -4.95 24.47
N ASP C 82 -12.45 -4.68 24.53
CA ASP C 82 -13.38 -5.80 24.43
C ASP C 82 -13.90 -5.93 23.02
N VAL C 83 -12.99 -6.30 22.11
CA VAL C 83 -13.30 -6.32 20.69
C VAL C 83 -14.08 -7.58 20.36
N ILE C 84 -15.12 -7.41 19.55
CA ILE C 84 -15.96 -8.51 19.10
C ILE C 84 -15.29 -9.22 17.95
N THR C 85 -15.13 -10.52 18.09
CA THR C 85 -14.53 -11.33 17.06
C THR C 85 -15.57 -12.37 16.67
N ILE C 86 -15.37 -13.02 15.53
CA ILE C 86 -16.23 -14.10 15.04
C ILE C 86 -15.36 -15.32 14.59
N HIS C 87 -15.90 -16.53 14.75
CA HIS C 87 -15.22 -17.76 14.33
CA HIS C 87 -15.19 -17.73 14.31
C HIS C 87 -15.29 -17.89 12.79
N GLU C 88 -14.22 -18.39 12.17
CA GLU C 88 -14.13 -18.51 10.70
C GLU C 88 -15.17 -19.44 10.06
N ASP C 89 -15.72 -20.35 10.85
CA ASP C 89 -16.74 -21.24 10.35
C ASP C 89 -18.19 -20.78 10.57
N ALA C 90 -18.38 -19.60 11.15
CA ALA C 90 -19.69 -18.99 11.25
C ALA C 90 -20.22 -18.47 9.88
N SER C 91 -21.54 -18.44 9.73
CA SER C 91 -22.13 -17.91 8.52
C SER C 91 -21.96 -16.40 8.47
N ILE C 92 -22.27 -15.84 7.31
CA ILE C 92 -22.29 -14.41 7.06
C ILE C 92 -23.40 -13.73 7.85
N LEU C 93 -24.51 -14.45 8.02
CA LEU C 93 -25.62 -13.94 8.78
C LEU C 93 -25.13 -13.66 10.21
N GLU C 94 -24.59 -14.68 10.88
CA GLU C 94 -23.91 -14.50 12.17
C GLU C 94 -22.94 -13.28 12.17
N ALA C 95 -22.27 -13.02 11.05
CA ALA C 95 -21.40 -11.86 11.02
C ALA C 95 -22.20 -10.60 11.09
N ILE C 96 -23.25 -10.49 10.27
CA ILE C 96 -24.12 -9.32 10.27
C ILE C 96 -24.70 -9.10 11.68
N LYS C 97 -25.32 -10.14 12.25
CA LYS C 97 -25.87 -10.06 13.61
C LYS C 97 -24.84 -9.49 14.60
N LYS C 98 -23.61 -9.99 14.58
CA LYS C 98 -22.58 -9.48 15.47
C LYS C 98 -22.16 -8.03 15.22
N ASP C 100 -24.41 -5.68 13.95
CA ASP C 100 -25.54 -4.86 14.34
C ASP C 100 -25.82 -4.88 15.85
N ILE C 101 -25.53 -5.99 16.51
CA ILE C 101 -25.60 -6.00 17.96
C ILE C 101 -24.62 -4.91 18.37
N SER C 102 -25.20 -3.80 18.87
CA SER C 102 -24.43 -2.55 19.14
C SER C 102 -23.24 -2.24 18.18
N GLY C 103 -22.46 -1.24 18.56
CA GLY C 103 -21.41 -0.70 17.70
C GLY C 103 -21.36 0.83 17.70
N ILE C 109 -20.27 -1.22 14.45
CA ILE C 109 -18.92 -1.66 14.09
C ILE C 109 -18.85 -2.15 12.65
N ASN C 110 -17.78 -1.78 11.95
CA ASN C 110 -17.66 -2.07 10.52
C ASN C 110 -16.79 -3.26 10.15
N GLN C 111 -15.98 -3.75 11.10
CA GLN C 111 -15.00 -4.82 10.88
C GLN C 111 -15.10 -5.82 12.02
N LEU C 112 -14.99 -7.11 11.73
CA LEU C 112 -14.83 -8.11 12.80
C LEU C 112 -13.56 -8.86 12.57
N PRO C 113 -12.63 -8.84 13.54
CA PRO C 113 -11.51 -9.76 13.41
C PRO C 113 -12.01 -11.20 13.45
N VAL C 114 -11.49 -12.03 12.57
CA VAL C 114 -11.89 -13.43 12.51
C VAL C 114 -10.83 -14.33 13.17
N VAL C 115 -11.28 -15.27 14.01
CA VAL C 115 -10.36 -16.17 14.71
C VAL C 115 -10.59 -17.64 14.37
N ASP C 116 -9.54 -18.46 14.33
CA ASP C 116 -9.74 -19.91 14.14
C ASP C 116 -10.24 -20.61 15.40
N LYS C 117 -10.23 -21.95 15.40
CA LYS C 117 -10.77 -22.76 16.50
C LYS C 117 -9.99 -22.63 17.81
N ASN C 118 -8.87 -21.92 17.76
CA ASN C 118 -8.00 -21.68 18.91
C ASN C 118 -7.89 -20.19 19.24
N ASN C 119 -8.78 -19.38 18.68
CA ASN C 119 -8.79 -17.94 18.94
C ASN C 119 -7.63 -17.16 18.30
N LYS C 120 -6.89 -17.79 17.41
CA LYS C 120 -5.80 -17.10 16.72
C LYS C 120 -6.41 -16.30 15.58
N LEU C 121 -5.87 -15.12 15.32
CA LEU C 121 -6.33 -14.27 14.23
C LEU C 121 -6.10 -14.94 12.89
N VAL C 122 -7.15 -15.12 12.10
CA VAL C 122 -6.94 -15.63 10.72
C VAL C 122 -7.32 -14.62 9.63
N GLY C 123 -8.05 -13.57 10.01
CA GLY C 123 -8.37 -12.47 9.07
C GLY C 123 -9.43 -11.49 9.58
N ILE C 124 -9.96 -10.67 8.68
CA ILE C 124 -10.99 -9.71 9.04
C ILE C 124 -12.13 -9.76 8.04
N ILE C 125 -13.31 -9.43 8.51
CA ILE C 125 -14.46 -9.30 7.66
C ILE C 125 -15.13 -7.97 7.94
N SER C 126 -15.49 -7.27 6.88
CA SER C 126 -16.10 -5.96 7.01
C SER C 126 -17.42 -5.89 6.26
N ASP C 127 -18.13 -4.79 6.51
CA ASP C 127 -19.29 -4.37 5.72
C ASP C 127 -19.10 -4.53 4.22
N GLY C 128 -18.02 -3.94 3.70
CA GLY C 128 -17.64 -3.99 2.29
C GLY C 128 -17.57 -5.40 1.78
N ASP C 129 -16.71 -6.21 2.38
CA ASP C 129 -16.66 -7.65 2.13
C ASP C 129 -18.03 -8.26 1.94
N ILE C 130 -18.95 -7.94 2.84
CA ILE C 130 -20.29 -8.52 2.82
C ILE C 130 -21.16 -7.98 1.67
N ILE C 131 -21.18 -6.66 1.51
CA ILE C 131 -21.87 -6.04 0.37
C ILE C 131 -21.31 -6.50 -1.01
N ARG C 132 -19.99 -6.61 -1.16
CA ARG C 132 -19.44 -7.17 -2.42
C ARG C 132 -19.99 -8.57 -2.67
N THR C 133 -20.06 -9.39 -1.63
CA THR C 133 -20.66 -10.71 -1.74
C THR C 133 -22.15 -10.68 -2.09
N ILE C 134 -22.94 -9.89 -1.36
CA ILE C 134 -24.38 -9.82 -1.61
C ILE C 134 -24.61 -9.31 -3.02
N SER C 135 -23.67 -8.49 -3.48
CA SER C 135 -23.79 -7.76 -4.74
C SER C 135 -23.73 -8.66 -5.95
N LYS C 136 -23.13 -9.83 -5.78
CA LYS C 136 -23.01 -10.80 -6.88
C LYS C 136 -24.21 -11.75 -6.98
N ILE C 137 -24.82 -12.09 -5.84
CA ILE C 137 -25.89 -13.09 -5.77
C ILE C 137 -27.20 -12.65 -6.44
N ASP D 3 -35.93 -10.29 0.71
CA ASP D 3 -36.39 -9.56 -0.54
C ASP D 3 -37.29 -8.30 -0.29
N THR D 4 -37.16 -7.73 0.90
CA THR D 4 -37.73 -6.41 1.16
C THR D 4 -36.79 -5.35 0.54
N LEU D 5 -35.57 -5.77 0.19
CA LEU D 5 -34.55 -4.87 -0.40
C LEU D 5 -34.97 -4.14 -1.68
N LYS D 6 -35.91 -4.71 -2.43
CA LYS D 6 -36.37 -4.05 -3.65
C LYS D 6 -37.38 -2.96 -3.33
N ASN D 7 -38.07 -3.08 -2.20
CA ASN D 7 -39.08 -2.10 -1.79
C ASN D 7 -38.67 -1.07 -0.70
N ILE D 8 -37.56 -1.32 0.00
CA ILE D 8 -36.96 -0.36 0.93
C ILE D 8 -36.23 0.67 0.08
N LYS D 9 -36.48 1.95 0.35
CA LYS D 9 -35.93 3.01 -0.47
C LYS D 9 -34.76 3.74 0.21
N VAL D 10 -33.76 4.10 -0.58
CA VAL D 10 -32.55 4.78 -0.08
C VAL D 10 -32.83 5.86 0.98
N LYS D 11 -33.76 6.77 0.69
CA LYS D 11 -34.16 7.81 1.64
C LYS D 11 -34.48 7.27 3.05
N ASP D 12 -35.04 6.06 3.14
CA ASP D 12 -35.42 5.43 4.42
C ASP D 12 -34.26 5.13 5.35
N VAL D 13 -33.07 4.89 4.79
CA VAL D 13 -31.91 4.44 5.59
C VAL D 13 -30.64 5.30 5.52
N THR D 15 -28.05 8.60 5.80
CA THR D 15 -27.64 9.55 6.80
C THR D 15 -27.93 10.96 6.27
N LYS D 16 -28.63 11.78 7.06
CA LYS D 16 -29.24 13.01 6.54
C LYS D 16 -28.42 14.30 6.73
N ASN D 17 -27.95 14.61 7.93
CA ASN D 17 -27.27 15.89 8.12
C ASN D 17 -25.76 15.86 7.86
N VAL D 18 -25.41 15.70 6.59
CA VAL D 18 -24.02 15.48 6.17
C VAL D 18 -23.18 16.75 6.14
N ILE D 19 -21.95 16.66 6.65
CA ILE D 19 -21.00 17.78 6.54
C ILE D 19 -20.42 17.77 5.13
N THR D 20 -20.21 18.96 4.56
CA THR D 20 -19.79 19.08 3.17
C THR D 20 -18.53 19.92 3.01
N ALA D 21 -18.00 19.93 1.80
CA ALA D 21 -16.81 20.69 1.45
C ALA D 21 -17.05 21.50 0.18
N LYS D 22 -16.16 22.47 -0.07
CA LYS D 22 -16.20 23.29 -1.29
C LYS D 22 -14.89 23.14 -2.09
N ARG D 23 -14.93 23.29 -3.41
CA ARG D 23 -13.75 23.19 -4.29
C ARG D 23 -12.42 23.87 -3.83
N HIS D 24 -12.52 25.07 -3.26
CA HIS D 24 -11.33 25.83 -2.90
C HIS D 24 -10.86 25.57 -1.47
N GLU D 25 -11.53 24.66 -0.77
CA GLU D 25 -11.11 24.25 0.54
C GLU D 25 -9.77 23.52 0.44
N GLY D 26 -8.84 23.83 1.36
CA GLY D 26 -7.59 23.09 1.48
C GLY D 26 -7.80 21.60 1.73
N VAL D 27 -7.01 20.80 1.05
CA VAL D 27 -7.14 19.36 1.11
C VAL D 27 -6.71 18.89 2.49
N VAL D 28 -5.59 19.43 2.98
CA VAL D 28 -5.05 19.12 4.29
C VAL D 28 -6.06 19.56 5.35
N GLU D 29 -6.57 20.79 5.23
CA GLU D 29 -7.55 21.28 6.20
C GLU D 29 -8.89 20.49 6.17
N ALA D 30 -9.25 19.98 4.99
CA ALA D 30 -10.42 19.10 4.85
C ALA D 30 -10.13 17.75 5.51
N PHE D 31 -8.92 17.25 5.31
CA PHE D 31 -8.51 16.04 6.01
C PHE D 31 -8.70 16.22 7.51
N GLU D 32 -8.07 17.28 8.05
CA GLU D 32 -8.16 17.55 9.49
C GLU D 32 -9.60 17.75 10.00
N LYS D 33 -10.47 18.31 9.17
CA LYS D 33 -11.87 18.47 9.52
C LYS D 33 -12.52 17.08 9.59
N LEU D 35 -11.17 14.31 10.31
CA LEU D 35 -10.75 13.68 11.56
C LEU D 35 -11.48 14.28 12.74
N LYS D 36 -11.63 15.61 12.74
CA LYS D 36 -12.20 16.29 13.91
C LYS D 36 -13.61 15.82 14.22
N TYR D 37 -14.35 15.46 13.19
CA TYR D 37 -15.76 15.11 13.37
C TYR D 37 -16.08 13.66 13.11
N LYS D 38 -15.04 12.82 13.03
CA LYS D 38 -15.16 11.36 12.82
C LYS D 38 -15.99 11.02 11.59
N ILE D 39 -15.60 11.61 10.46
CA ILE D 39 -16.22 11.29 9.21
C ILE D 39 -15.14 10.81 8.26
N SER D 40 -15.52 9.92 7.33
CA SER D 40 -14.57 9.24 6.46
C SER D 40 -14.71 9.69 5.01
N SER D 41 -15.68 10.57 4.77
CA SER D 41 -15.84 11.19 3.47
C SER D 41 -16.55 12.54 3.54
N LEU D 42 -16.52 13.24 2.42
CA LEU D 42 -16.90 14.62 2.42
C LEU D 42 -17.39 15.02 1.04
N PRO D 43 -18.71 14.98 0.82
CA PRO D 43 -19.26 15.44 -0.47
C PRO D 43 -18.80 16.87 -0.81
N VAL D 44 -18.45 17.09 -2.07
CA VAL D 44 -18.04 18.41 -2.53
C VAL D 44 -19.21 19.02 -3.28
N ILE D 45 -19.57 20.26 -2.93
CA ILE D 45 -20.77 20.88 -3.47
C ILE D 45 -20.47 22.24 -4.10
N ASP D 46 -21.26 22.60 -5.10
CA ASP D 46 -21.19 23.93 -5.66
C ASP D 46 -22.07 24.89 -4.86
N ASP D 47 -22.13 26.13 -5.32
CA ASP D 47 -22.89 27.18 -4.67
C ASP D 47 -24.40 26.91 -4.68
N GLU D 48 -24.83 26.06 -5.62
CA GLU D 48 -26.25 25.71 -5.78
C GLU D 48 -26.56 24.32 -5.18
N ASN D 49 -25.78 23.92 -4.19
CA ASN D 49 -26.01 22.67 -3.45
C ASN D 49 -25.90 21.38 -4.29
N LYS D 50 -25.31 21.47 -5.48
CA LYS D 50 -25.15 20.27 -6.32
C LYS D 50 -23.84 19.55 -6.02
N VAL D 51 -23.83 18.22 -6.15
CA VAL D 51 -22.67 17.41 -5.79
C VAL D 51 -21.66 17.39 -6.94
N ILE D 52 -20.46 17.89 -6.69
CA ILE D 52 -19.43 18.08 -7.72
C ILE D 52 -18.33 17.02 -7.65
N GLY D 53 -18.19 16.43 -6.47
CA GLY D 53 -17.24 15.36 -6.22
C GLY D 53 -17.39 14.90 -4.79
N ILE D 54 -16.46 14.07 -4.37
CA ILE D 54 -16.46 13.50 -3.04
C ILE D 54 -15.01 13.23 -2.67
N VAL D 55 -14.69 13.40 -1.40
CA VAL D 55 -13.34 13.10 -0.94
C VAL D 55 -13.45 12.17 0.26
N THR D 56 -12.38 11.42 0.55
CA THR D 56 -12.36 10.44 1.66
C THR D 56 -11.08 10.53 2.51
N THR D 57 -11.13 10.14 3.80
CA THR D 57 -9.91 10.19 4.62
C THR D 57 -8.88 9.20 4.08
N THR D 58 -9.38 8.06 3.58
CA THR D 58 -8.54 6.98 3.03
C THR D 58 -7.65 7.44 1.87
N ASP D 59 -8.26 8.11 0.89
CA ASP D 59 -7.54 8.61 -0.28
C ASP D 59 -6.69 9.82 0.08
N ILE D 60 -7.26 10.81 0.78
CA ILE D 60 -6.41 11.98 1.11
C ILE D 60 -5.26 11.49 2.01
N GLY D 61 -5.60 10.66 3.00
CA GLY D 61 -4.61 10.12 3.92
C GLY D 61 -3.45 9.45 3.20
N TYR D 62 -3.79 8.63 2.23
CA TYR D 62 -2.81 7.94 1.43
C TYR D 62 -1.88 8.91 0.69
N ASN D 63 -2.44 9.90 -0.01
CA ASN D 63 -1.61 10.85 -0.74
C ASN D 63 -0.84 11.79 0.17
N LEU D 64 -1.39 11.98 1.39
CA LEU D 64 -0.84 12.94 2.35
C LEU D 64 0.42 12.42 3.00
N ILE D 65 0.34 11.24 3.60
CA ILE D 65 1.49 10.59 4.23
C ILE D 65 2.62 10.25 3.24
N ARG D 66 2.29 10.09 1.97
CA ARG D 66 3.30 9.82 0.94
C ARG D 66 3.94 11.11 0.44
N ASP D 67 3.61 12.22 1.09
CA ASP D 67 4.08 13.55 0.72
C ASP D 67 3.83 13.87 -0.76
N LYS D 68 2.61 14.32 -1.05
CA LYS D 68 2.22 14.73 -2.41
C LYS D 68 1.22 15.89 -2.38
N TYR D 69 1.07 16.52 -1.22
CA TYR D 69 0.20 17.68 -1.04
C TYR D 69 0.96 18.82 -0.36
N THR D 70 0.68 20.05 -0.78
CA THR D 70 1.14 21.24 -0.03
C THR D 70 -0.05 21.85 0.73
N LEU D 71 0.22 22.85 1.56
CA LEU D 71 -0.84 23.55 2.28
C LEU D 71 -1.66 24.34 1.25
N GLU D 72 -1.08 24.53 0.07
CA GLU D 72 -1.74 25.17 -1.06
C GLU D 72 -2.84 24.28 -1.64
N THR D 73 -2.50 23.07 -2.09
CA THR D 73 -3.40 22.29 -2.97
C THR D 73 -4.83 22.13 -2.45
N THR D 74 -5.78 22.53 -3.28
CA THR D 74 -7.21 22.56 -2.91
C THR D 74 -7.92 21.23 -3.22
N ILE D 75 -9.19 21.14 -2.81
CA ILE D 75 -10.07 20.02 -3.20
C ILE D 75 -10.16 19.91 -4.72
N GLY D 76 -10.43 21.02 -5.40
CA GLY D 76 -10.54 21.08 -6.86
C GLY D 76 -9.43 20.34 -7.58
N ASP D 77 -8.20 20.60 -7.17
CA ASP D 77 -7.00 20.01 -7.75
C ASP D 77 -6.84 18.49 -7.58
N VAL D 78 -7.55 17.88 -6.64
CA VAL D 78 -7.34 16.46 -6.36
C VAL D 78 -8.53 15.57 -6.72
N THR D 80 -11.72 13.66 -8.31
CA THR D 80 -12.05 13.14 -9.63
C THR D 80 -13.34 13.79 -10.13
N LYS D 81 -13.42 14.07 -11.43
CA LYS D 81 -14.53 14.82 -11.98
C LYS D 81 -15.77 13.97 -12.35
N ASP D 82 -15.69 12.68 -12.06
CA ASP D 82 -16.62 11.67 -12.57
C ASP D 82 -17.59 11.14 -11.50
N VAL D 83 -17.81 11.93 -10.45
CA VAL D 83 -18.52 11.48 -9.24
C VAL D 83 -19.84 10.73 -9.50
N ILE D 84 -20.13 9.75 -8.63
CA ILE D 84 -21.28 8.88 -8.80
C ILE D 84 -22.23 9.00 -7.65
N THR D 85 -23.49 9.31 -7.94
CA THR D 85 -24.53 9.44 -6.91
C THR D 85 -25.72 8.50 -7.10
N ILE D 86 -26.65 8.56 -6.15
CA ILE D 86 -27.90 7.85 -6.25
C ILE D 86 -29.07 8.75 -5.82
N HIS D 87 -30.24 8.47 -6.40
CA HIS D 87 -31.47 9.23 -6.19
C HIS D 87 -32.09 8.72 -4.90
N GLU D 88 -32.73 9.62 -4.16
CA GLU D 88 -33.26 9.26 -2.85
C GLU D 88 -34.41 8.25 -2.95
N ASP D 89 -35.07 8.23 -4.12
CA ASP D 89 -36.20 7.34 -4.37
C ASP D 89 -35.78 5.94 -4.80
N ALA D 90 -34.52 5.76 -5.18
CA ALA D 90 -34.01 4.45 -5.57
C ALA D 90 -34.14 3.43 -4.43
N SER D 91 -33.99 2.16 -4.75
CA SER D 91 -34.05 1.09 -3.77
C SER D 91 -32.65 0.73 -3.24
N ILE D 92 -32.63 0.03 -2.11
CA ILE D 92 -31.38 -0.48 -1.55
C ILE D 92 -30.65 -1.35 -2.57
N LEU D 93 -31.41 -2.16 -3.31
CA LEU D 93 -30.84 -3.00 -4.37
C LEU D 93 -30.05 -2.20 -5.38
N GLU D 94 -30.61 -1.08 -5.81
CA GLU D 94 -29.92 -0.19 -6.75
C GLU D 94 -28.72 0.45 -6.08
N ALA D 95 -28.81 0.73 -4.78
CA ALA D 95 -27.66 1.25 -4.05
C ALA D 95 -26.51 0.25 -4.05
N ILE D 96 -26.80 -1.00 -3.65
CA ILE D 96 -25.78 -2.05 -3.59
C ILE D 96 -25.06 -2.22 -4.94
N LYS D 97 -25.82 -2.20 -6.03
CA LYS D 97 -25.25 -2.42 -7.36
C LYS D 97 -24.44 -1.22 -7.84
N LYS D 98 -24.94 -0.02 -7.57
CA LYS D 98 -24.25 1.20 -7.98
C LYS D 98 -22.92 1.37 -7.27
N ASP D 100 -20.86 -1.31 -5.93
CA ASP D 100 -19.99 -2.35 -6.49
C ASP D 100 -19.48 -2.04 -7.92
N ILE D 101 -20.25 -1.28 -8.69
CA ILE D 101 -19.76 -0.80 -10.00
C ILE D 101 -18.35 -0.16 -9.90
N ILE D 109 -16.04 2.56 -3.67
CA ILE D 109 -17.07 3.30 -2.91
C ILE D 109 -17.61 2.53 -1.68
N ASN D 110 -17.37 3.06 -0.49
CA ASN D 110 -18.08 2.62 0.70
C ASN D 110 -19.27 3.53 1.05
N GLN D 111 -19.34 4.67 0.37
CA GLN D 111 -20.39 5.68 0.59
CA GLN D 111 -20.40 5.64 0.59
C GLN D 111 -20.98 6.17 -0.73
N LEU D 112 -22.27 6.40 -0.77
CA LEU D 112 -22.85 7.01 -1.95
C LEU D 112 -23.54 8.32 -1.56
N PRO D 113 -23.17 9.44 -2.21
CA PRO D 113 -23.93 10.64 -1.94
C PRO D 113 -25.29 10.47 -2.56
N VAL D 114 -26.31 10.85 -1.80
CA VAL D 114 -27.70 10.77 -2.24
C VAL D 114 -28.15 12.17 -2.67
N VAL D 115 -28.76 12.26 -3.85
CA VAL D 115 -29.35 13.50 -4.37
C VAL D 115 -30.85 13.39 -4.57
N ASP D 116 -31.58 14.50 -4.53
CA ASP D 116 -33.03 14.43 -4.75
C ASP D 116 -33.38 14.48 -6.24
N LYS D 117 -34.63 14.80 -6.55
CA LYS D 117 -35.07 14.88 -7.95
C LYS D 117 -34.48 16.07 -8.69
N ASN D 118 -34.05 17.09 -7.94
CA ASN D 118 -33.51 18.30 -8.54
C ASN D 118 -31.98 18.36 -8.43
N ASN D 119 -31.36 17.19 -8.35
CA ASN D 119 -29.88 17.03 -8.25
C ASN D 119 -29.16 17.57 -6.98
N LYS D 120 -29.93 18.04 -6.00
CA LYS D 120 -29.39 18.59 -4.75
C LYS D 120 -29.09 17.52 -3.69
N LEU D 121 -28.00 17.71 -2.93
CA LEU D 121 -27.53 16.69 -1.99
C LEU D 121 -28.43 16.62 -0.77
N VAL D 122 -28.79 15.41 -0.39
CA VAL D 122 -29.79 15.26 0.65
C VAL D 122 -29.32 14.32 1.77
N GLY D 123 -28.35 13.46 1.46
CA GLY D 123 -27.69 12.61 2.45
C GLY D 123 -26.65 11.69 1.86
N ILE D 124 -26.19 10.73 2.66
CA ILE D 124 -25.21 9.76 2.22
C ILE D 124 -25.68 8.38 2.64
N ILE D 125 -25.62 7.42 1.73
CA ILE D 125 -25.87 6.03 2.14
C ILE D 125 -24.56 5.31 2.23
N SER D 126 -24.31 4.70 3.38
CA SER D 126 -23.06 3.98 3.55
C SER D 126 -23.26 2.47 3.58
N ASP D 127 -22.15 1.75 3.49
CA ASP D 127 -22.11 0.31 3.68
C ASP D 127 -22.75 -0.08 5.02
N GLY D 128 -22.41 0.66 6.07
CA GLY D 128 -22.96 0.41 7.39
C GLY D 128 -24.47 0.51 7.41
N ASP D 129 -25.02 1.54 6.77
CA ASP D 129 -26.48 1.70 6.69
C ASP D 129 -27.07 0.45 6.08
N ILE D 130 -26.44 -0.04 5.02
CA ILE D 130 -27.01 -1.16 4.28
C ILE D 130 -26.99 -2.44 5.10
N ILE D 131 -25.89 -2.71 5.79
CA ILE D 131 -25.83 -3.83 6.70
C ILE D 131 -26.92 -3.72 7.76
N ARG D 132 -27.01 -2.57 8.42
CA ARG D 132 -28.07 -2.34 9.40
C ARG D 132 -29.41 -2.80 8.83
N THR D 133 -29.61 -2.53 7.53
CA THR D 133 -30.87 -2.78 6.86
C THR D 133 -31.14 -4.25 6.59
N ILE D 134 -30.09 -4.99 6.28
CA ILE D 134 -30.28 -6.41 6.07
C ILE D 134 -30.50 -7.07 7.43
N SER D 135 -29.82 -6.52 8.43
CA SER D 135 -29.94 -7.01 9.79
C SER D 135 -31.40 -6.93 10.28
N LYS D 136 -32.11 -5.89 9.83
CA LYS D 136 -33.55 -5.73 10.11
C LYS D 136 -34.45 -6.70 9.33
N ILE D 137 -33.86 -7.49 8.41
CA ILE D 137 -34.62 -8.57 7.74
C ILE D 137 -34.32 -9.96 8.33
#